data_1KND
#
_entry.id   1KND
#
_cell.length_a   122.8
_cell.length_b   122.8
_cell.length_c   110.6
_cell.angle_alpha   90
_cell.angle_beta   90
_cell.angle_gamma   90
#
_symmetry.space_group_name_H-M   'I 4 2 2'
#
loop_
_entity.id
_entity.type
_entity.pdbx_description
1 polymer '2,3-DIHYDROXYBIPHENYL 1,2-DIOXYGENASE'
2 non-polymer 'FE (II) ION'
3 non-polymer CATECHOL
4 non-polymer 'TERTIARY-BUTYL ALCOHOL'
5 water water
#
_entity_poly.entity_id   1
_entity_poly.type   'polypeptide(L)'
_entity_poly.pdbx_seq_one_letter_code
;SIRSLGYMGFAVSDVAAWRSFLTQKLGLMEAGTTDNGDLFRIDSRAWRIAVQQGEVDDLAFAGYEVADAAGLAQMADKLK
QAGIAVTTGDASLARRRGVTGLITFADPFGLPLEIYYGASEVFEKPFLPGAAVSGFLTGEQGLGHFVRCVPDSDKALAFY
TDVLGFQLSDVIDMKMGPDVTVPAYFLHCNERHHTLAIAAFPLPKRIHHFMLEVASLDDVGFAFDRVDADGLITSTLGRH
TNDHMVSFYASTPSGVEVEYGWSARTVDRSWVVVRHDSPSMWGHKSVRDKAAARNKA
;
_entity_poly.pdbx_strand_id   A
#
# COMPACT_ATOMS: atom_id res chain seq x y z
N SER A 1 -12.18 -11.22 -9.34
CA SER A 1 -11.12 -11.58 -8.35
C SER A 1 -10.04 -10.51 -8.36
N ILE A 2 -9.75 -9.97 -7.18
CA ILE A 2 -8.76 -8.92 -7.04
C ILE A 2 -7.41 -9.41 -7.49
N ARG A 3 -6.79 -8.66 -8.38
CA ARG A 3 -5.49 -9.00 -8.90
C ARG A 3 -4.35 -8.30 -8.17
N SER A 4 -4.57 -7.07 -7.69
CA SER A 4 -3.53 -6.34 -6.99
C SER A 4 -4.03 -5.02 -6.43
N LEU A 5 -3.16 -4.37 -5.66
CA LEU A 5 -3.44 -3.05 -5.13
C LEU A 5 -2.98 -2.16 -6.29
N GLY A 6 -3.89 -1.34 -6.81
CA GLY A 6 -3.56 -0.49 -7.94
C GLY A 6 -3.21 0.95 -7.67
N TYR A 7 -3.92 1.61 -6.75
CA TYR A 7 -3.61 2.99 -6.43
C TYR A 7 -4.01 3.34 -5.01
N MET A 8 -3.51 4.46 -4.50
CA MET A 8 -3.82 4.92 -3.15
C MET A 8 -3.96 6.43 -3.18
N GLY A 9 -4.79 6.96 -2.30
CA GLY A 9 -4.96 8.39 -2.23
C GLY A 9 -4.77 8.81 -0.77
N PHE A 10 -4.06 9.92 -0.56
CA PHE A 10 -3.80 10.47 0.77
C PHE A 10 -4.44 11.86 0.87
N ALA A 11 -5.02 12.16 2.03
CA ALA A 11 -5.65 13.46 2.29
C ALA A 11 -4.74 14.05 3.35
N VAL A 12 -3.98 15.07 2.97
CA VAL A 12 -2.99 15.65 3.84
C VAL A 12 -3.13 17.14 4.11
N SER A 13 -2.55 17.56 5.23
CA SER A 13 -2.61 18.96 5.61
C SER A 13 -1.55 19.78 4.87
N ASP A 14 -0.43 19.17 4.50
CA ASP A 14 0.63 19.89 3.79
C ASP A 14 0.97 19.21 2.47
N VAL A 15 0.27 19.60 1.41
CA VAL A 15 0.46 19.03 0.08
C VAL A 15 1.85 19.31 -0.48
N ALA A 16 2.37 20.50 -0.21
CA ALA A 16 3.69 20.84 -0.70
C ALA A 16 4.76 19.95 -0.06
N ALA A 17 4.62 19.67 1.22
CA ALA A 17 5.59 18.83 1.92
C ALA A 17 5.57 17.44 1.32
N TRP A 18 4.38 16.95 1.03
CA TRP A 18 4.24 15.64 0.44
C TRP A 18 4.83 15.56 -0.96
N ARG A 19 4.61 16.59 -1.77
CA ARG A 19 5.12 16.65 -3.13
C ARG A 19 6.65 16.55 -3.13
N SER A 20 7.28 17.38 -2.29
CA SER A 20 8.73 17.39 -2.18
C SER A 20 9.26 16.05 -1.62
N PHE A 21 8.56 15.49 -0.64
CA PHE A 21 8.96 14.22 -0.02
C PHE A 21 8.93 13.06 -1.03
N LEU A 22 7.80 12.92 -1.72
CA LEU A 22 7.64 11.84 -2.69
C LEU A 22 8.61 11.92 -3.88
N THR A 23 8.84 13.12 -4.41
CA THR A 23 9.72 13.26 -5.56
C THR A 23 11.20 13.32 -5.25
N GLN A 24 11.55 14.19 -4.31
CA GLN A 24 12.95 14.38 -3.95
C GLN A 24 13.54 13.33 -3.03
N LYS A 25 12.77 12.80 -2.09
CA LYS A 25 13.31 11.79 -1.19
C LYS A 25 13.12 10.36 -1.74
N LEU A 26 11.90 10.04 -2.16
CA LEU A 26 11.59 8.70 -2.65
C LEU A 26 11.79 8.49 -4.14
N GLY A 27 11.85 9.56 -4.93
CA GLY A 27 12.06 9.45 -6.36
C GLY A 27 10.86 9.19 -7.24
N LEU A 28 9.65 9.48 -6.76
CA LEU A 28 8.47 9.27 -7.60
C LEU A 28 8.44 10.37 -8.64
N MET A 29 7.67 10.16 -9.68
CA MET A 29 7.55 11.13 -10.76
C MET A 29 6.28 11.96 -10.59
N GLU A 30 6.43 13.27 -10.62
CA GLU A 30 5.30 14.18 -10.50
C GLU A 30 4.54 14.05 -11.83
N ALA A 31 3.25 13.74 -11.77
CA ALA A 31 2.45 13.55 -12.97
C ALA A 31 1.36 14.58 -13.17
N GLY A 32 1.50 15.76 -12.58
CA GLY A 32 0.48 16.78 -12.75
C GLY A 32 -0.58 16.82 -11.69
N THR A 33 -1.44 17.82 -11.78
CA THR A 33 -2.51 18.01 -10.80
C THR A 33 -3.83 18.03 -11.53
N THR A 34 -4.80 17.31 -10.99
CA THR A 34 -6.10 17.27 -11.59
C THR A 34 -7.12 17.36 -10.46
N ASP A 35 -8.39 17.08 -10.77
CA ASP A 35 -9.44 17.10 -9.75
C ASP A 35 -9.30 15.84 -8.89
N ASN A 36 -8.32 15.01 -9.26
CA ASN A 36 -8.02 13.80 -8.51
C ASN A 36 -6.90 14.15 -7.52
N GLY A 37 -6.35 15.36 -7.67
CA GLY A 37 -5.28 15.85 -6.79
C GLY A 37 -3.93 15.87 -7.47
N ASP A 38 -2.85 16.01 -6.69
CA ASP A 38 -1.49 15.96 -7.20
C ASP A 38 -1.22 14.49 -7.46
N LEU A 39 -0.84 14.17 -8.70
CA LEU A 39 -0.62 12.80 -9.12
C LEU A 39 0.84 12.42 -9.20
N PHE A 40 1.16 11.20 -8.79
CA PHE A 40 2.54 10.72 -8.80
C PHE A 40 2.59 9.35 -9.45
N ARG A 41 3.64 9.12 -10.23
CA ARG A 41 3.83 7.86 -10.95
C ARG A 41 5.08 7.11 -10.48
N ILE A 42 5.07 5.80 -10.69
CA ILE A 42 6.23 4.94 -10.40
C ILE A 42 6.44 3.99 -11.57
N ASP A 43 5.53 4.00 -12.52
CA ASP A 43 5.65 3.11 -13.67
C ASP A 43 4.85 3.65 -14.86
N SER A 44 4.38 2.79 -15.75
CA SER A 44 3.64 3.23 -16.93
C SER A 44 2.24 3.75 -16.68
N ARG A 45 1.63 3.40 -15.54
CA ARG A 45 0.29 3.88 -15.21
C ARG A 45 0.27 5.39 -15.10
N ALA A 46 -0.84 6.00 -15.49
CA ALA A 46 -1.00 7.45 -15.44
C ALA A 46 -0.74 8.03 -14.03
N TRP A 47 -1.03 7.26 -12.98
CA TRP A 47 -0.76 7.67 -11.61
C TRP A 47 -0.94 6.45 -10.72
N ARG A 48 -0.27 6.45 -9.58
CA ARG A 48 -0.40 5.35 -8.62
C ARG A 48 -0.76 5.93 -7.25
N ILE A 49 -0.27 7.14 -6.97
CA ILE A 49 -0.52 7.81 -5.70
C ILE A 49 -1.07 9.21 -5.96
N ALA A 50 -2.16 9.55 -5.29
CA ALA A 50 -2.80 10.87 -5.39
C ALA A 50 -2.72 11.55 -4.03
N VAL A 51 -2.37 12.83 -4.01
CA VAL A 51 -2.29 13.59 -2.78
C VAL A 51 -3.30 14.74 -2.86
N GLN A 52 -4.23 14.76 -1.91
CA GLN A 52 -5.27 15.79 -1.87
C GLN A 52 -5.17 16.54 -0.55
N GLN A 53 -5.65 17.78 -0.51
CA GLN A 53 -5.61 18.56 0.71
C GLN A 53 -6.70 17.98 1.57
N GLY A 54 -6.40 17.76 2.84
CA GLY A 54 -7.38 17.18 3.73
C GLY A 54 -6.90 17.26 5.16
N GLU A 55 -7.84 17.14 6.08
CA GLU A 55 -7.58 17.22 7.51
C GLU A 55 -7.07 15.95 8.17
N VAL A 56 -7.49 14.79 7.69
CA VAL A 56 -7.08 13.55 8.33
C VAL A 56 -5.61 13.20 8.34
N ASP A 57 -4.84 13.69 7.36
CA ASP A 57 -3.41 13.38 7.26
C ASP A 57 -3.27 11.84 7.32
N ASP A 58 -3.87 11.16 6.36
CA ASP A 58 -3.86 9.72 6.38
C ASP A 58 -4.26 9.21 5.00
N LEU A 59 -4.34 7.89 4.87
CA LEU A 59 -4.78 7.24 3.65
C LEU A 59 -6.27 7.57 3.51
N ALA A 60 -6.66 8.13 2.37
CA ALA A 60 -8.04 8.49 2.12
C ALA A 60 -8.84 7.39 1.41
N PHE A 61 -8.19 6.66 0.51
CA PHE A 61 -8.85 5.57 -0.21
C PHE A 61 -7.78 4.71 -0.86
N ALA A 62 -8.12 3.47 -1.17
CA ALA A 62 -7.21 2.54 -1.85
C ALA A 62 -8.01 1.87 -2.96
N GLY A 63 -7.37 1.64 -4.11
CA GLY A 63 -8.08 1.01 -5.20
C GLY A 63 -7.46 -0.33 -5.52
N TYR A 64 -8.30 -1.36 -5.58
CA TYR A 64 -7.87 -2.72 -5.90
C TYR A 64 -8.28 -2.95 -7.35
N GLU A 65 -7.38 -3.58 -8.09
CA GLU A 65 -7.60 -3.81 -9.51
C GLU A 65 -8.05 -5.21 -9.89
N VAL A 66 -9.10 -5.30 -10.71
CA VAL A 66 -9.56 -6.58 -11.24
C VAL A 66 -9.13 -6.58 -12.71
N ALA A 67 -9.14 -7.75 -13.34
CA ALA A 67 -8.70 -7.86 -14.72
C ALA A 67 -9.60 -7.23 -15.76
N ASP A 68 -10.90 -7.31 -15.57
CA ASP A 68 -11.86 -6.81 -16.55
C ASP A 68 -13.23 -6.56 -15.96
N ALA A 69 -14.17 -6.22 -16.84
CA ALA A 69 -15.54 -5.92 -16.44
C ALA A 69 -16.23 -7.10 -15.78
N ALA A 70 -15.90 -8.31 -16.21
CA ALA A 70 -16.51 -9.51 -15.61
C ALA A 70 -16.02 -9.62 -14.17
N GLY A 71 -14.73 -9.38 -13.95
CA GLY A 71 -14.20 -9.44 -12.60
C GLY A 71 -14.84 -8.39 -11.70
N LEU A 72 -15.11 -7.21 -12.24
CA LEU A 72 -15.73 -6.16 -11.46
C LEU A 72 -17.11 -6.62 -11.04
N ALA A 73 -17.83 -7.20 -11.99
CA ALA A 73 -19.18 -7.71 -11.74
C ALA A 73 -19.17 -8.76 -10.63
N GLN A 74 -18.21 -9.69 -10.69
CA GLN A 74 -18.09 -10.73 -9.67
C GLN A 74 -17.91 -10.15 -8.28
N MET A 75 -16.99 -9.19 -8.15
CA MET A 75 -16.72 -8.58 -6.86
C MET A 75 -17.93 -7.82 -6.31
N ALA A 76 -18.61 -7.09 -7.19
CA ALA A 76 -19.79 -6.34 -6.79
C ALA A 76 -20.81 -7.34 -6.24
N ASP A 77 -20.97 -8.46 -6.93
CA ASP A 77 -21.91 -9.48 -6.52
C ASP A 77 -21.53 -10.05 -5.15
N LYS A 78 -20.26 -10.39 -5.00
CA LYS A 78 -19.74 -10.96 -3.76
C LYS A 78 -19.99 -10.02 -2.58
N LEU A 79 -19.78 -8.72 -2.80
CA LEU A 79 -19.97 -7.74 -1.74
C LEU A 79 -21.45 -7.60 -1.38
N LYS A 80 -22.31 -7.55 -2.39
CA LYS A 80 -23.74 -7.44 -2.18
C LYS A 80 -24.23 -8.64 -1.38
N GLN A 81 -23.84 -9.84 -1.81
CA GLN A 81 -24.24 -11.06 -1.12
C GLN A 81 -23.78 -11.08 0.33
N ALA A 82 -22.76 -10.28 0.65
CA ALA A 82 -22.25 -10.21 2.02
C ALA A 82 -22.93 -9.10 2.81
N GLY A 83 -23.80 -8.35 2.13
CA GLY A 83 -24.50 -7.27 2.79
C GLY A 83 -23.72 -5.97 2.87
N ILE A 84 -22.73 -5.81 2.01
CA ILE A 84 -21.92 -4.60 2.00
C ILE A 84 -22.58 -3.58 1.07
N ALA A 85 -22.65 -2.33 1.49
CA ALA A 85 -23.22 -1.29 0.64
C ALA A 85 -22.19 -0.91 -0.42
N VAL A 86 -22.48 -1.24 -1.68
CA VAL A 86 -21.58 -0.94 -2.77
C VAL A 86 -22.24 0.07 -3.68
N THR A 87 -21.44 1.00 -4.20
CA THR A 87 -21.95 2.02 -5.10
C THR A 87 -21.19 1.90 -6.40
N THR A 88 -21.91 1.86 -7.51
CA THR A 88 -21.23 1.78 -8.80
C THR A 88 -20.76 3.21 -9.04
N GLY A 89 -19.44 3.40 -9.14
CA GLY A 89 -18.91 4.72 -9.36
C GLY A 89 -19.50 5.31 -10.62
N ASP A 90 -19.83 6.59 -10.60
CA ASP A 90 -20.41 7.20 -11.78
C ASP A 90 -19.30 7.61 -12.74
N ALA A 91 -19.69 7.91 -13.97
CA ALA A 91 -18.74 8.31 -15.02
C ALA A 91 -17.80 9.39 -14.52
N SER A 92 -18.33 10.31 -13.73
CA SER A 92 -17.51 11.39 -13.22
C SER A 92 -16.37 10.86 -12.35
N LEU A 93 -16.66 9.91 -11.47
CA LEU A 93 -15.62 9.36 -10.59
C LEU A 93 -14.62 8.55 -11.40
N ALA A 94 -15.14 7.75 -12.33
CA ALA A 94 -14.30 6.92 -13.18
C ALA A 94 -13.34 7.81 -13.97
N ARG A 95 -13.85 8.93 -14.49
CA ARG A 95 -13.01 9.84 -15.24
C ARG A 95 -11.96 10.50 -14.34
N ARG A 96 -12.34 10.83 -13.11
CA ARG A 96 -11.41 11.44 -12.17
C ARG A 96 -10.26 10.47 -11.84
N ARG A 97 -10.60 9.18 -11.73
CA ARG A 97 -9.61 8.14 -11.41
C ARG A 97 -8.85 7.67 -12.66
N GLY A 98 -9.40 7.94 -13.83
CA GLY A 98 -8.76 7.51 -15.07
C GLY A 98 -8.98 6.01 -15.30
N VAL A 99 -10.09 5.47 -14.80
CA VAL A 99 -10.38 4.05 -14.95
C VAL A 99 -11.60 3.84 -15.84
N THR A 100 -11.83 2.58 -16.23
CA THR A 100 -12.96 2.27 -17.10
C THR A 100 -14.25 2.04 -16.34
N GLY A 101 -14.14 1.38 -15.18
CA GLY A 101 -15.30 1.13 -14.35
C GLY A 101 -14.86 0.89 -12.94
N LEU A 102 -15.66 1.28 -11.97
CA LEU A 102 -15.30 1.05 -10.57
C LEU A 102 -16.51 1.04 -9.67
N ILE A 103 -16.34 0.40 -8.51
CA ILE A 103 -17.37 0.34 -7.49
C ILE A 103 -16.68 0.81 -6.23
N THR A 104 -17.43 1.48 -5.37
CA THR A 104 -16.90 2.01 -4.13
C THR A 104 -17.66 1.42 -2.94
N PHE A 105 -16.99 1.36 -1.80
CA PHE A 105 -17.55 0.83 -0.57
C PHE A 105 -16.52 1.09 0.53
N ALA A 106 -16.73 0.58 1.73
CA ALA A 106 -15.78 0.82 2.82
C ALA A 106 -15.48 -0.45 3.57
N ASP A 107 -14.32 -0.54 4.22
CA ASP A 107 -14.04 -1.73 4.99
C ASP A 107 -14.83 -1.61 6.30
N PRO A 108 -14.92 -2.69 7.11
CA PRO A 108 -15.67 -2.65 8.37
C PRO A 108 -15.39 -1.51 9.33
N PHE A 109 -14.24 -0.87 9.20
CA PHE A 109 -13.87 0.20 10.09
C PHE A 109 -13.75 1.57 9.42
N GLY A 110 -14.46 1.73 8.32
CA GLY A 110 -14.50 3.01 7.65
C GLY A 110 -13.51 3.43 6.58
N LEU A 111 -12.60 2.56 6.16
CA LEU A 111 -11.67 2.99 5.12
C LEU A 111 -12.34 2.85 3.76
N PRO A 112 -12.40 3.95 3.00
CA PRO A 112 -13.03 3.93 1.68
C PRO A 112 -12.17 3.08 0.74
N LEU A 113 -12.80 2.13 0.08
CA LEU A 113 -12.12 1.23 -0.84
C LEU A 113 -12.80 1.32 -2.19
N GLU A 114 -12.03 1.05 -3.24
CA GLU A 114 -12.56 1.05 -4.59
C GLU A 114 -11.99 -0.14 -5.31
N ILE A 115 -12.81 -0.79 -6.13
CA ILE A 115 -12.37 -1.91 -6.95
C ILE A 115 -12.65 -1.40 -8.35
N TYR A 116 -11.68 -1.49 -9.24
CA TYR A 116 -11.86 -0.96 -10.58
C TYR A 116 -11.18 -1.85 -11.60
N TYR A 117 -11.42 -1.52 -12.86
CA TYR A 117 -10.74 -2.19 -13.97
C TYR A 117 -10.49 -1.15 -15.06
N GLY A 118 -9.52 -1.44 -15.92
CA GLY A 118 -9.19 -0.56 -17.03
C GLY A 118 -8.59 0.77 -16.71
N ALA A 119 -7.48 0.76 -15.96
CA ALA A 119 -6.76 1.99 -15.61
C ALA A 119 -6.03 2.50 -16.85
N SER A 120 -5.56 3.73 -16.77
CA SER A 120 -4.86 4.37 -17.88
C SER A 120 -3.35 4.18 -17.89
N GLU A 121 -2.83 3.79 -19.06
CA GLU A 121 -1.39 3.61 -19.25
C GLU A 121 -0.92 4.85 -20.00
N VAL A 122 0.32 5.25 -19.77
CA VAL A 122 0.87 6.40 -20.49
C VAL A 122 2.30 6.07 -20.95
N PHE A 123 2.41 5.04 -21.78
CA PHE A 123 3.71 4.63 -22.33
C PHE A 123 4.34 5.76 -23.15
N GLU A 124 3.50 6.65 -23.69
CA GLU A 124 3.98 7.78 -24.49
C GLU A 124 4.65 8.86 -23.64
N LYS A 125 4.49 8.80 -22.32
CA LYS A 125 5.14 9.73 -21.39
C LYS A 125 6.02 8.84 -20.50
N PRO A 126 7.19 8.44 -21.02
CA PRO A 126 8.10 7.58 -20.27
C PRO A 126 8.43 8.03 -18.85
N PHE A 127 8.34 7.11 -17.91
CA PHE A 127 8.63 7.37 -16.51
C PHE A 127 10.05 7.93 -16.31
N LEU A 128 10.13 9.03 -15.59
CA LEU A 128 11.43 9.64 -15.27
C LEU A 128 11.30 9.98 -13.78
N PRO A 129 12.07 9.27 -12.94
CA PRO A 129 12.02 9.48 -11.48
C PRO A 129 12.51 10.86 -11.03
N GLY A 130 11.98 11.32 -9.90
CA GLY A 130 12.34 12.60 -9.35
C GLY A 130 13.67 12.58 -8.63
N ALA A 131 14.23 11.39 -8.45
CA ALA A 131 15.53 11.21 -7.78
C ALA A 131 16.13 9.99 -8.44
N ALA A 132 17.41 9.73 -8.22
CA ALA A 132 18.05 8.58 -8.85
C ALA A 132 17.55 7.24 -8.31
N VAL A 133 16.60 6.65 -9.02
CA VAL A 133 16.03 5.36 -8.66
C VAL A 133 16.04 4.54 -9.96
N SER A 134 16.64 3.35 -9.91
CA SER A 134 16.72 2.50 -11.09
C SER A 134 15.36 2.03 -11.56
N GLY A 135 14.43 1.88 -10.63
CA GLY A 135 13.10 1.46 -11.00
C GLY A 135 12.31 0.94 -9.81
N PHE A 136 11.00 0.88 -9.97
CA PHE A 136 10.10 0.36 -8.95
C PHE A 136 9.56 -0.96 -9.43
N LEU A 137 9.29 -1.88 -8.52
CA LEU A 137 8.76 -3.18 -8.88
C LEU A 137 7.26 -3.17 -8.76
N THR A 138 6.57 -3.26 -9.88
CA THR A 138 5.11 -3.29 -9.84
C THR A 138 4.63 -4.48 -10.67
N GLY A 139 4.19 -4.22 -11.89
CA GLY A 139 3.74 -5.31 -12.74
C GLY A 139 2.62 -6.09 -12.10
N GLU A 140 2.68 -7.41 -12.21
CA GLU A 140 1.64 -8.25 -11.65
C GLU A 140 1.58 -8.20 -10.13
N GLN A 141 2.58 -7.61 -9.50
CA GLN A 141 2.56 -7.52 -8.06
C GLN A 141 1.88 -6.24 -7.56
N GLY A 142 1.51 -5.37 -8.51
CA GLY A 142 0.84 -4.14 -8.16
C GLY A 142 1.71 -3.12 -7.49
N LEU A 143 1.06 -2.13 -6.87
CA LEU A 143 1.73 -1.02 -6.21
C LEU A 143 2.68 -1.34 -5.04
N GLY A 144 2.26 -2.22 -4.13
CA GLY A 144 3.10 -2.56 -3.00
C GLY A 144 2.16 -3.07 -1.93
N HIS A 145 2.32 -2.62 -0.69
CA HIS A 145 1.44 -3.06 0.38
C HIS A 145 1.27 -2.00 1.48
N PHE A 146 0.29 -2.22 2.35
CA PHE A 146 0.10 -1.34 3.49
C PHE A 146 -0.48 -2.16 4.62
N VAL A 147 -0.22 -1.68 5.83
CA VAL A 147 -0.67 -2.36 7.04
C VAL A 147 -1.85 -1.57 7.59
N ARG A 148 -3.01 -2.21 7.60
CA ARG A 148 -4.26 -1.65 8.08
C ARG A 148 -4.37 -1.88 9.60
N CYS A 149 -4.43 -0.79 10.35
CA CYS A 149 -4.59 -0.88 11.81
C CYS A 149 -6.09 -0.96 12.08
N VAL A 150 -6.49 -1.94 12.88
CA VAL A 150 -7.90 -2.15 13.20
C VAL A 150 -8.14 -2.41 14.69
N PRO A 151 -9.36 -2.14 15.15
CA PRO A 151 -9.65 -2.37 16.57
C PRO A 151 -9.96 -3.85 16.84
N ASP A 152 -10.34 -4.57 15.79
CA ASP A 152 -10.69 -5.99 15.90
C ASP A 152 -10.17 -6.74 14.67
N SER A 153 -9.09 -7.48 14.87
CA SER A 153 -8.45 -8.27 13.82
C SER A 153 -9.30 -9.34 13.19
N ASP A 154 -10.08 -10.02 14.01
CA ASP A 154 -10.92 -11.09 13.51
C ASP A 154 -12.01 -10.61 12.58
N LYS A 155 -12.62 -9.49 12.91
CA LYS A 155 -13.66 -8.95 12.04
C LYS A 155 -13.01 -8.50 10.73
N ALA A 156 -11.84 -7.88 10.82
CA ALA A 156 -11.11 -7.40 9.65
C ALA A 156 -10.70 -8.59 8.76
N LEU A 157 -10.18 -9.64 9.41
CA LEU A 157 -9.76 -10.84 8.71
C LEU A 157 -10.89 -11.48 7.91
N ALA A 158 -12.06 -11.61 8.55
CA ALA A 158 -13.22 -12.20 7.90
C ALA A 158 -13.61 -11.41 6.65
N PHE A 159 -13.65 -10.09 6.77
CA PHE A 159 -13.99 -9.25 5.64
C PHE A 159 -12.99 -9.38 4.48
N TYR A 160 -11.70 -9.25 4.77
CA TYR A 160 -10.68 -9.31 3.75
C TYR A 160 -10.45 -10.67 3.11
N THR A 161 -10.63 -11.74 3.86
CA THR A 161 -10.43 -13.05 3.26
C THR A 161 -11.72 -13.61 2.69
N ASP A 162 -12.77 -13.62 3.49
CA ASP A 162 -14.04 -14.18 3.05
C ASP A 162 -14.76 -13.34 2.02
N VAL A 163 -14.72 -12.02 2.14
CA VAL A 163 -15.41 -11.21 1.16
C VAL A 163 -14.48 -10.75 0.03
N LEU A 164 -13.35 -10.13 0.36
CA LEU A 164 -12.44 -9.65 -0.69
C LEU A 164 -11.56 -10.71 -1.34
N GLY A 165 -11.47 -11.89 -0.72
CA GLY A 165 -10.69 -12.96 -1.30
C GLY A 165 -9.18 -13.03 -1.07
N PHE A 166 -8.64 -12.23 -0.17
CA PHE A 166 -7.21 -12.28 0.11
C PHE A 166 -6.90 -13.61 0.79
N GLN A 167 -5.69 -14.12 0.63
CA GLN A 167 -5.29 -15.38 1.24
C GLN A 167 -4.22 -15.10 2.27
N LEU A 168 -4.21 -15.85 3.37
CA LEU A 168 -3.20 -15.66 4.40
C LEU A 168 -1.81 -16.17 3.97
N SER A 169 -0.78 -15.37 4.22
CA SER A 169 0.59 -15.77 3.92
C SER A 169 1.17 -16.32 5.22
N ASP A 170 1.19 -15.48 6.25
CA ASP A 170 1.73 -15.86 7.53
C ASP A 170 1.31 -14.90 8.63
N VAL A 171 1.72 -15.22 9.85
CA VAL A 171 1.38 -14.41 11.01
C VAL A 171 2.62 -14.15 11.82
N ILE A 172 2.73 -12.93 12.34
CA ILE A 172 3.85 -12.59 13.21
C ILE A 172 3.25 -12.14 14.55
N ASP A 173 3.68 -12.79 15.64
CA ASP A 173 3.22 -12.42 16.98
C ASP A 173 4.11 -11.32 17.51
N MET A 174 3.60 -10.11 17.39
CA MET A 174 4.29 -8.89 17.79
C MET A 174 4.24 -8.67 19.29
N LYS A 175 5.40 -8.78 19.94
CA LYS A 175 5.50 -8.57 21.38
C LYS A 175 5.59 -7.07 21.64
N MET A 176 4.50 -6.50 22.14
CA MET A 176 4.47 -5.08 22.44
C MET A 176 4.36 -4.99 23.96
N GLY A 177 5.48 -5.20 24.63
CA GLY A 177 5.46 -5.15 26.09
C GLY A 177 5.16 -6.53 26.63
N PRO A 178 5.43 -6.76 27.94
CA PRO A 178 5.23 -8.03 28.65
C PRO A 178 3.81 -8.60 28.64
N ASP A 179 2.83 -7.72 28.84
CA ASP A 179 1.43 -8.12 28.88
C ASP A 179 0.68 -7.93 27.56
N VAL A 180 1.41 -7.62 26.49
CA VAL A 180 0.77 -7.42 25.21
C VAL A 180 1.49 -8.07 24.04
N THR A 181 0.76 -8.96 23.37
CA THR A 181 1.26 -9.61 22.18
C THR A 181 0.13 -9.50 21.19
N VAL A 182 0.43 -8.89 20.06
CA VAL A 182 -0.54 -8.66 19.02
C VAL A 182 -0.15 -9.38 17.72
N PRO A 183 -1.05 -10.23 17.21
CA PRO A 183 -0.73 -10.94 15.97
C PRO A 183 -0.96 -10.00 14.77
N ALA A 184 -0.03 -10.02 13.82
CA ALA A 184 -0.13 -9.24 12.60
C ALA A 184 -0.36 -10.30 11.53
N TYR A 185 -1.41 -10.14 10.73
CA TYR A 185 -1.74 -11.08 9.67
C TYR A 185 -1.32 -10.50 8.32
N PHE A 186 -0.56 -11.28 7.54
CA PHE A 186 -0.07 -10.85 6.22
C PHE A 186 -0.81 -11.62 5.14
N LEU A 187 -1.46 -10.88 4.25
CA LEU A 187 -2.31 -11.45 3.19
C LEU A 187 -1.84 -11.12 1.76
N HIS A 188 -2.05 -12.06 0.85
CA HIS A 188 -1.67 -11.85 -0.52
C HIS A 188 -2.85 -12.07 -1.45
N CYS A 189 -2.76 -11.49 -2.63
CA CYS A 189 -3.78 -11.65 -3.64
C CYS A 189 -3.09 -11.92 -4.98
N ASN A 190 -1.77 -12.08 -4.93
CA ASN A 190 -0.96 -12.36 -6.11
C ASN A 190 0.39 -12.84 -5.58
N GLU A 191 1.43 -12.82 -6.41
CA GLU A 191 2.77 -13.29 -6.02
C GLU A 191 3.44 -12.50 -4.91
N ARG A 192 3.14 -11.21 -4.82
CA ARG A 192 3.75 -10.38 -3.78
C ARG A 192 3.40 -11.02 -2.43
N HIS A 193 4.41 -11.20 -1.57
CA HIS A 193 4.21 -11.85 -0.26
C HIS A 193 2.95 -11.35 0.43
N HIS A 194 2.80 -10.03 0.51
CA HIS A 194 1.57 -9.50 1.06
C HIS A 194 1.26 -8.17 0.43
N THR A 195 -0.01 -7.99 0.10
CA THR A 195 -0.47 -6.72 -0.45
C THR A 195 -1.16 -5.98 0.70
N LEU A 196 -1.56 -6.73 1.72
CA LEU A 196 -2.23 -6.16 2.87
C LEU A 196 -1.85 -6.92 4.14
N ALA A 197 -1.65 -6.20 5.25
CA ALA A 197 -1.37 -6.82 6.54
C ALA A 197 -2.40 -6.19 7.51
N ILE A 198 -2.85 -6.95 8.50
CA ILE A 198 -3.84 -6.48 9.44
C ILE A 198 -3.34 -6.68 10.85
N ALA A 199 -3.43 -5.65 11.68
CA ALA A 199 -2.98 -5.75 13.07
C ALA A 199 -3.76 -4.77 13.94
N ALA A 200 -4.05 -5.17 15.18
CA ALA A 200 -4.77 -4.31 16.10
C ALA A 200 -3.76 -3.49 16.88
N PHE A 201 -3.06 -2.57 16.21
CA PHE A 201 -2.07 -1.72 16.88
C PHE A 201 -2.76 -0.46 17.35
N PRO A 202 -2.37 0.07 18.52
CA PRO A 202 -3.02 1.29 19.00
C PRO A 202 -2.39 2.51 18.32
N LEU A 203 -2.84 2.82 17.11
CA LEU A 203 -2.30 3.96 16.39
C LEU A 203 -3.39 4.92 16.01
N PRO A 204 -3.05 6.19 15.87
CA PRO A 204 -4.03 7.23 15.50
C PRO A 204 -4.37 7.16 14.00
N LYS A 205 -3.63 6.37 13.23
CA LYS A 205 -3.87 6.29 11.77
C LYS A 205 -4.53 5.02 11.30
N ARG A 206 -5.05 5.07 10.08
CA ARG A 206 -5.71 3.94 9.46
C ARG A 206 -4.69 2.88 9.05
N ILE A 207 -3.46 3.31 8.76
CA ILE A 207 -2.41 2.39 8.38
C ILE A 207 -1.13 2.69 9.13
N HIS A 208 -0.34 1.65 9.38
CA HIS A 208 0.94 1.83 10.05
C HIS A 208 1.92 2.37 8.99
N HIS A 209 1.93 1.75 7.82
CA HIS A 209 2.82 2.18 6.75
C HIS A 209 2.36 1.63 5.42
N PHE A 210 2.89 2.19 4.36
CA PHE A 210 2.66 1.70 3.01
C PHE A 210 4.08 1.43 2.53
N MET A 211 4.21 0.54 1.56
CA MET A 211 5.53 0.15 1.09
C MET A 211 5.68 0.26 -0.41
N LEU A 212 6.85 0.72 -0.84
CA LEU A 212 7.19 0.80 -2.26
C LEU A 212 8.45 -0.04 -2.39
N GLU A 213 8.51 -0.84 -3.45
CA GLU A 213 9.64 -1.71 -3.67
C GLU A 213 10.45 -1.24 -4.89
N VAL A 214 11.77 -1.13 -4.72
CA VAL A 214 12.64 -0.68 -5.80
C VAL A 214 13.46 -1.83 -6.39
N ALA A 215 14.12 -1.58 -7.51
CA ALA A 215 14.86 -2.61 -8.20
C ALA A 215 16.26 -2.99 -7.71
N SER A 216 16.95 -2.11 -6.99
CA SER A 216 18.29 -2.48 -6.53
C SER A 216 18.59 -2.01 -5.11
N LEU A 217 19.60 -2.63 -4.50
CA LEU A 217 20.02 -2.28 -3.16
C LEU A 217 20.45 -0.80 -3.12
N ASP A 218 21.14 -0.34 -4.16
CA ASP A 218 21.58 1.05 -4.18
C ASP A 218 20.42 2.04 -4.14
N ASP A 219 19.30 1.68 -4.75
CA ASP A 219 18.13 2.56 -4.73
C ASP A 219 17.75 2.80 -3.28
N VAL A 220 17.79 1.73 -2.49
CA VAL A 220 17.46 1.82 -1.05
C VAL A 220 18.53 2.61 -0.29
N GLY A 221 19.79 2.30 -0.52
CA GLY A 221 20.88 2.96 0.16
C GLY A 221 20.91 4.45 -0.08
N PHE A 222 20.75 4.86 -1.33
CA PHE A 222 20.74 6.29 -1.67
C PHE A 222 19.53 7.01 -1.06
N ALA A 223 18.37 6.38 -1.13
CA ALA A 223 17.16 6.99 -0.57
C ALA A 223 17.30 7.14 0.95
N PHE A 224 17.94 6.16 1.59
CA PHE A 224 18.13 6.20 3.04
C PHE A 224 18.89 7.48 3.42
N ASP A 225 19.97 7.77 2.71
CA ASP A 225 20.75 8.97 2.98
C ASP A 225 19.95 10.24 2.72
N ARG A 226 19.16 10.27 1.65
CA ARG A 226 18.36 11.45 1.34
C ARG A 226 17.38 11.76 2.46
N VAL A 227 16.74 10.70 2.97
CA VAL A 227 15.75 10.80 4.05
C VAL A 227 16.42 11.09 5.41
N ASP A 228 17.55 10.45 5.65
CA ASP A 228 18.28 10.61 6.90
C ASP A 228 18.78 12.05 7.05
N ALA A 229 19.14 12.69 5.94
CA ALA A 229 19.61 14.07 5.97
C ALA A 229 18.60 15.00 6.64
N ASP A 230 17.31 14.68 6.53
CA ASP A 230 16.26 15.49 7.13
C ASP A 230 15.76 14.92 8.44
N GLY A 231 16.48 13.92 8.95
CA GLY A 231 16.12 13.28 10.20
C GLY A 231 14.80 12.55 10.22
N LEU A 232 14.40 11.99 9.08
CA LEU A 232 13.11 11.30 8.98
C LEU A 232 13.11 9.77 9.09
N ILE A 233 14.27 9.17 9.33
CA ILE A 233 14.36 7.71 9.45
C ILE A 233 13.72 7.27 10.78
N THR A 234 12.92 6.21 10.73
CA THR A 234 12.28 5.67 11.92
C THR A 234 12.83 4.28 12.29
N SER A 235 13.38 3.56 11.30
CA SER A 235 13.96 2.23 11.49
C SER A 235 15.14 2.09 10.54
N THR A 236 16.26 1.60 11.06
CA THR A 236 17.43 1.40 10.25
C THR A 236 17.20 0.25 9.24
N LEU A 237 18.13 0.05 8.33
CA LEU A 237 18.02 -1.03 7.36
C LEU A 237 17.96 -2.37 8.08
N GLY A 238 17.14 -3.27 7.54
CA GLY A 238 17.01 -4.59 8.11
C GLY A 238 16.30 -5.48 7.12
N ARG A 239 16.14 -6.75 7.45
CA ARG A 239 15.44 -7.65 6.56
C ARG A 239 14.33 -8.32 7.35
N HIS A 240 13.12 -8.33 6.80
CA HIS A 240 11.99 -8.98 7.47
C HIS A 240 12.08 -10.49 7.43
N THR A 241 11.50 -11.12 8.44
CA THR A 241 11.49 -12.57 8.57
C THR A 241 10.51 -13.25 7.62
N ASN A 242 9.41 -12.58 7.32
CA ASN A 242 8.41 -13.21 6.47
C ASN A 242 8.51 -12.97 4.99
N ASP A 243 8.58 -11.71 4.55
CA ASP A 243 8.70 -11.45 3.12
C ASP A 243 10.16 -11.32 2.65
N HIS A 244 11.09 -11.33 3.61
CA HIS A 244 12.52 -11.21 3.34
C HIS A 244 12.93 -9.91 2.65
N MET A 245 12.11 -8.89 2.82
CA MET A 245 12.40 -7.61 2.23
C MET A 245 13.47 -6.87 3.02
N VAL A 246 14.42 -6.29 2.32
CA VAL A 246 15.48 -5.49 2.92
C VAL A 246 14.92 -4.07 2.82
N SER A 247 14.72 -3.40 3.94
CA SER A 247 14.11 -2.08 3.90
C SER A 247 14.44 -1.19 5.08
N PHE A 248 14.03 0.07 4.96
CA PHE A 248 14.15 1.02 6.06
C PHE A 248 12.76 1.67 6.12
N TYR A 249 12.43 2.33 7.23
CA TYR A 249 11.14 3.00 7.39
C TYR A 249 11.43 4.46 7.63
N ALA A 250 10.55 5.33 7.18
CA ALA A 250 10.72 6.75 7.37
C ALA A 250 9.37 7.36 7.61
N SER A 251 9.36 8.56 8.18
CA SER A 251 8.12 9.23 8.46
C SER A 251 7.75 10.17 7.30
N THR A 252 6.49 10.11 6.87
CA THR A 252 5.99 11.00 5.81
C THR A 252 5.54 12.26 6.54
N PRO A 253 5.19 13.33 5.80
CA PRO A 253 4.74 14.55 6.49
C PRO A 253 3.45 14.37 7.30
N SER A 254 2.70 13.30 7.04
CA SER A 254 1.45 13.05 7.78
C SER A 254 1.63 12.16 9.01
N GLY A 255 2.87 11.76 9.31
CA GLY A 255 3.09 10.91 10.46
C GLY A 255 3.02 9.44 10.11
N VAL A 256 2.30 9.12 9.04
CA VAL A 256 2.17 7.75 8.53
C VAL A 256 3.58 7.40 8.06
N GLU A 257 4.00 6.16 8.23
CA GLU A 257 5.35 5.79 7.80
C GLU A 257 5.36 5.16 6.41
N VAL A 258 6.52 5.20 5.77
CA VAL A 258 6.66 4.58 4.47
C VAL A 258 7.83 3.61 4.60
N GLU A 259 7.68 2.45 3.99
CA GLU A 259 8.73 1.45 3.99
C GLU A 259 9.25 1.45 2.57
N TYR A 260 10.57 1.49 2.41
CA TYR A 260 11.21 1.55 1.11
C TYR A 260 12.12 0.32 1.05
N GLY A 261 11.78 -0.66 0.23
CA GLY A 261 12.56 -1.88 0.22
C GLY A 261 12.95 -2.51 -1.08
N TRP A 262 13.64 -3.63 -0.96
CA TRP A 262 14.16 -4.33 -2.11
C TRP A 262 14.34 -5.81 -1.82
N SER A 263 14.21 -6.62 -2.85
CA SER A 263 14.47 -8.06 -2.76
C SER A 263 13.54 -8.94 -1.93
N ALA A 264 12.26 -8.63 -1.94
CA ALA A 264 11.30 -9.44 -1.19
C ALA A 264 11.12 -10.76 -1.94
N ARG A 265 10.79 -11.82 -1.21
CA ARG A 265 10.53 -13.10 -1.85
C ARG A 265 9.03 -13.14 -2.19
N THR A 266 8.67 -13.97 -3.15
CA THR A 266 7.28 -14.08 -3.56
C THR A 266 6.64 -15.36 -3.02
N VAL A 267 5.33 -15.41 -3.14
CA VAL A 267 4.55 -16.55 -2.70
C VAL A 267 4.21 -17.39 -3.93
N ASP A 268 4.34 -18.70 -3.80
CA ASP A 268 4.01 -19.60 -4.91
C ASP A 268 2.88 -20.57 -4.50
N ARG A 269 2.61 -21.54 -5.36
CA ARG A 269 1.55 -22.51 -5.09
C ARG A 269 1.94 -23.47 -3.98
N SER A 270 3.23 -23.68 -3.80
CA SER A 270 3.67 -24.59 -2.76
C SER A 270 3.70 -23.91 -1.37
N TRP A 271 3.36 -22.63 -1.32
CA TRP A 271 3.37 -21.88 -0.06
C TRP A 271 2.51 -22.49 1.04
N VAL A 272 3.03 -22.47 2.27
CA VAL A 272 2.27 -22.95 3.44
C VAL A 272 2.30 -21.85 4.51
N VAL A 273 1.19 -21.70 5.22
CA VAL A 273 1.09 -20.70 6.30
C VAL A 273 2.04 -21.07 7.43
N VAL A 274 2.76 -20.09 7.95
CA VAL A 274 3.67 -20.31 9.07
C VAL A 274 3.52 -19.15 10.04
N ARG A 275 4.19 -19.24 11.19
CA ARG A 275 4.15 -18.18 12.19
C ARG A 275 5.57 -17.80 12.58
N HIS A 276 5.73 -16.56 13.02
CA HIS A 276 7.04 -16.05 13.42
C HIS A 276 6.85 -15.34 14.73
N ASP A 277 7.93 -15.22 15.48
CA ASP A 277 7.90 -14.50 16.76
C ASP A 277 8.63 -13.17 16.69
N SER A 278 9.25 -12.90 15.54
CA SER A 278 9.98 -11.65 15.32
C SER A 278 9.68 -11.17 13.92
N PRO A 279 9.59 -9.85 13.73
CA PRO A 279 9.31 -9.30 12.41
C PRO A 279 10.57 -9.09 11.57
N SER A 280 11.74 -9.18 12.19
CA SER A 280 12.97 -8.94 11.45
C SER A 280 14.07 -9.93 11.79
N MET A 281 14.82 -10.33 10.77
CA MET A 281 15.95 -11.25 10.91
C MET A 281 17.12 -10.46 11.48
N TRP A 282 17.34 -9.28 10.91
CA TRP A 282 18.41 -8.39 11.37
C TRP A 282 18.05 -6.96 11.02
N GLY A 283 18.71 -6.02 11.70
CA GLY A 283 18.49 -4.60 11.46
C GLY A 283 17.13 -4.13 11.95
N HIS A 284 16.61 -3.11 11.28
CA HIS A 284 15.33 -2.52 11.65
C HIS A 284 15.31 -2.02 13.10
N LYS A 285 16.41 -1.43 13.53
CA LYS A 285 16.55 -0.89 14.86
C LYS A 285 15.69 0.38 14.89
N SER A 286 14.75 0.47 15.82
CA SER A 286 13.90 1.65 15.90
C SER A 286 14.67 2.87 16.36
N VAL A 287 14.60 3.93 15.58
CA VAL A 287 15.28 5.16 15.92
C VAL A 287 14.22 6.24 16.08
N ARG A 288 13.02 5.80 16.47
CA ARG A 288 11.88 6.69 16.74
C ARG A 288 12.07 7.11 18.20
#